data_6N05
#
_entry.id   6N05
#
_cell.length_a   71.880
_cell.length_b   71.880
_cell.length_c   135.140
_cell.angle_alpha   90.000
_cell.angle_beta   90.000
_cell.angle_gamma   90.000
#
_symmetry.space_group_name_H-M   'P 43 21 2'
#
loop_
_entity.id
_entity.type
_entity.pdbx_description
1 polymer AcrIIC2
2 water water
#
_entity_poly.entity_id   1
_entity_poly.type   'polypeptide(L)'
_entity_poly.pdbx_seq_one_letter_code
;(MSE)NTIHHHHHNTSGSGGGGGRLVPRGS(MSE)SENLYFQGS(MSE)SKNNIFNKYPTIIHGEARGENDEFVVHTRYP
RFLARKSFDDNFTGE(MSE)PAKPVNGELGQIGEPRRLAYDSRLGLWLSDFI(MSE)LDNNKPKN(MSE)EDWLGQLKAA
CDRIAADDL(MSE)LNEDAADLEGWDD
;
_entity_poly.pdbx_strand_id   A,B
#
# COMPACT_ATOMS: atom_id res chain seq x y z
N ASN A 40 -2.95 -14.09 2.89
CA ASN A 40 -3.71 -15.09 3.62
C ASN A 40 -4.52 -14.42 4.74
N ASN A 41 -4.54 -15.05 5.91
CA ASN A 41 -4.94 -14.36 7.12
C ASN A 41 -4.10 -13.10 7.35
N ILE A 42 -2.88 -13.08 6.80
CA ILE A 42 -1.90 -12.05 7.14
C ILE A 42 -2.37 -10.65 6.72
N PHE A 43 -3.07 -10.54 5.59
CA PHE A 43 -3.66 -9.26 5.19
C PHE A 43 -4.60 -8.71 6.24
N ASN A 44 -5.28 -9.59 6.97
CA ASN A 44 -6.28 -9.13 7.92
C ASN A 44 -5.68 -8.66 9.22
N LYS A 45 -4.35 -8.76 9.38
CA LYS A 45 -3.68 -7.98 10.41
C LYS A 45 -3.66 -6.49 10.09
N TYR A 46 -3.75 -6.11 8.81
CA TYR A 46 -3.71 -4.71 8.39
C TYR A 46 -5.10 -4.09 8.44
N PRO A 47 -5.18 -2.77 8.55
CA PRO A 47 -6.46 -2.07 8.34
C PRO A 47 -6.97 -2.29 6.93
N THR A 48 -8.29 -2.22 6.76
CA THR A 48 -8.89 -2.49 5.44
C THR A 48 -8.36 -1.54 4.37
N ILE A 49 -8.28 -0.26 4.67
CA ILE A 49 -7.91 0.78 3.73
C ILE A 49 -6.66 1.46 4.24
N ILE A 50 -5.60 1.45 3.42
CA ILE A 50 -4.40 2.24 3.67
C ILE A 50 -4.31 3.35 2.62
N HIS A 51 -4.19 4.59 3.07
CA HIS A 51 -4.08 5.74 2.17
C HIS A 51 -2.60 6.10 2.03
N GLY A 52 -2.17 6.27 0.79
CA GLY A 52 -0.74 6.42 0.58
C GLY A 52 -0.21 7.68 -0.06
N GLU A 53 1.09 7.87 0.11
CA GLU A 53 1.76 9.05 -0.37
C GLU A 53 3.21 8.66 -0.59
N ALA A 54 3.81 9.28 -1.59
CA ALA A 54 5.21 9.10 -1.88
C ALA A 54 5.90 10.45 -2.00
N ARG A 55 7.18 10.44 -1.69
CA ARG A 55 7.94 11.68 -1.79
C ARG A 55 8.10 12.08 -3.26
N GLY A 56 8.19 13.39 -3.48
CA GLY A 56 8.32 13.92 -4.83
C GLY A 56 7.27 13.44 -5.79
N GLU A 57 6.06 13.18 -5.30
CA GLU A 57 4.97 12.74 -6.13
C GLU A 57 3.72 13.49 -5.70
N ASN A 58 2.87 13.83 -6.66
CA ASN A 58 1.67 14.55 -6.30
C ASN A 58 0.50 13.63 -6.13
N ASP A 59 0.43 12.57 -6.93
CA ASP A 59 -0.63 11.59 -6.75
C ASP A 59 -0.47 10.89 -5.41
N GLU A 60 -1.55 10.31 -4.96
CA GLU A 60 -1.55 9.54 -3.74
C GLU A 60 -1.80 8.07 -4.09
N PHE A 61 -1.99 7.25 -3.07
CA PHE A 61 -2.01 5.82 -3.28
C PHE A 61 -2.95 5.21 -2.26
N VAL A 62 -3.51 4.04 -2.61
CA VAL A 62 -4.39 3.30 -1.71
C VAL A 62 -4.13 1.79 -1.79
N VAL A 63 -4.18 1.13 -0.63
CA VAL A 63 -4.17 -0.33 -0.57
C VAL A 63 -5.48 -0.78 0.05
N HIS A 64 -6.19 -1.68 -0.64
CA HIS A 64 -7.34 -2.37 -0.06
C HIS A 64 -6.87 -3.76 0.36
N THR A 65 -7.02 -4.07 1.65
CA THR A 65 -6.53 -5.31 2.20
C THR A 65 -7.62 -6.36 2.41
N ARG A 66 -8.87 -6.04 2.12
CA ARG A 66 -9.91 -7.05 2.05
C ARG A 66 -10.22 -7.35 0.60
N TYR A 67 -10.90 -8.48 0.39
CA TYR A 67 -11.28 -8.90 -0.95
C TYR A 67 -12.24 -7.88 -1.55
N PRO A 68 -12.04 -7.50 -2.81
CA PRO A 68 -10.84 -7.89 -3.56
C PRO A 68 -9.66 -6.93 -3.26
N ARG A 69 -8.46 -7.49 -3.10
CA ARG A 69 -7.33 -6.75 -2.60
C ARG A 69 -6.57 -6.08 -3.72
N PHE A 70 -6.11 -4.85 -3.48
CA PHE A 70 -5.40 -4.22 -4.57
C PHE A 70 -4.61 -3.01 -4.11
N LEU A 71 -3.67 -2.64 -4.97
CA LEU A 71 -2.92 -1.40 -4.89
C LEU A 71 -3.40 -0.51 -6.03
N ALA A 72 -3.75 0.74 -5.72
CA ALA A 72 -4.23 1.67 -6.74
C ALA A 72 -3.55 3.03 -6.59
N ARG A 73 -3.59 3.79 -7.69
CA ARG A 73 -3.21 5.18 -7.69
C ARG A 73 -4.45 6.02 -7.42
N LYS A 74 -4.33 6.98 -6.51
CA LYS A 74 -5.43 7.86 -6.14
C LYS A 74 -5.09 9.26 -6.62
N SER A 75 -5.91 9.80 -7.52
CA SER A 75 -5.68 11.13 -8.05
C SER A 75 -6.95 11.95 -7.89
N PHE A 76 -6.79 13.27 -8.12
CA PHE A 76 -7.86 14.22 -7.91
C PHE A 76 -7.87 15.21 -9.07
N ASP A 77 -9.06 15.53 -9.58
CA ASP A 77 -9.18 16.51 -10.65
C ASP A 77 -9.84 17.79 -10.12
N ASP A 78 -10.24 18.68 -11.03
CA ASP A 78 -10.62 20.04 -10.65
C ASP A 78 -11.95 20.09 -9.90
N ASN A 79 -12.84 19.13 -10.11
CA ASN A 79 -14.13 19.09 -9.42
C ASN A 79 -14.03 18.44 -8.03
N PHE A 80 -12.81 18.22 -7.53
CA PHE A 80 -12.60 17.70 -6.19
C PHE A 80 -12.50 18.86 -5.21
N THR A 81 -13.26 18.77 -4.13
CA THR A 81 -13.19 19.74 -3.05
C THR A 81 -12.92 19.09 -1.70
N GLY A 82 -13.14 17.78 -1.57
CA GLY A 82 -12.79 17.06 -0.37
C GLY A 82 -13.88 16.90 0.67
N GLU A 83 -15.08 17.44 0.43
CA GLU A 83 -16.16 17.37 1.41
C GLU A 83 -17.14 16.25 1.11
N PRO A 85 -20.35 14.27 0.35
CA PRO A 85 -21.59 14.63 -0.35
C PRO A 85 -22.80 14.12 0.43
N ALA A 86 -23.97 14.69 0.10
CA ALA A 86 -25.18 14.38 0.84
C ALA A 86 -25.49 12.89 0.81
N LYS A 87 -25.48 12.26 -0.42
CA LYS A 87 -25.77 10.84 -0.59
C LYS A 87 -24.47 10.04 -0.61
N PRO A 88 -24.50 8.82 -0.07
CA PRO A 88 -23.32 7.96 -0.09
C PRO A 88 -22.62 7.97 -1.45
N VAL A 89 -21.29 7.81 -1.40
CA VAL A 89 -20.48 7.75 -2.61
C VAL A 89 -21.05 6.67 -3.50
N ASN A 90 -21.38 7.03 -4.74
CA ASN A 90 -21.83 6.06 -5.74
C ASN A 90 -21.03 6.34 -7.02
N GLY A 91 -19.79 5.84 -7.06
CA GLY A 91 -18.94 6.03 -8.23
C GLY A 91 -19.35 5.16 -9.40
N GLU A 92 -18.41 5.00 -10.33
CA GLU A 92 -18.56 4.15 -11.50
C GLU A 92 -17.16 3.67 -11.88
N LEU A 93 -17.08 2.46 -12.41
CA LEU A 93 -15.78 1.90 -12.78
C LEU A 93 -15.85 1.40 -14.21
N GLY A 94 -14.81 1.70 -14.98
CA GLY A 94 -14.82 1.50 -16.41
C GLY A 94 -13.42 1.52 -16.97
N GLN A 95 -13.36 1.42 -18.30
CA GLN A 95 -12.09 1.45 -19.04
C GLN A 95 -11.90 2.82 -19.66
N ILE A 96 -10.72 3.42 -19.47
CA ILE A 96 -10.39 4.67 -20.13
C ILE A 96 -8.97 4.63 -20.68
N GLY A 97 -8.63 5.68 -21.43
CA GLY A 97 -7.29 5.84 -21.96
C GLY A 97 -7.02 4.91 -23.13
N GLU A 98 -5.81 5.03 -23.66
CA GLU A 98 -5.34 4.16 -24.74
C GLU A 98 -3.95 3.71 -24.31
N PRO A 99 -3.74 2.40 -24.06
CA PRO A 99 -4.78 1.39 -24.19
C PRO A 99 -5.78 1.44 -23.03
N ARG A 100 -6.91 0.78 -23.21
CA ARG A 100 -8.00 0.88 -22.25
C ARG A 100 -7.62 0.16 -20.96
N ARG A 101 -7.52 0.92 -19.87
CA ARG A 101 -7.17 0.39 -18.57
C ARG A 101 -8.25 0.77 -17.57
N LEU A 102 -8.51 -0.13 -16.62
CA LEU A 102 -9.64 0.01 -15.70
C LEU A 102 -9.43 1.21 -14.79
N ALA A 103 -10.50 1.97 -14.59
CA ALA A 103 -10.43 3.17 -13.79
C ALA A 103 -11.70 3.28 -12.97
N TYR A 104 -11.58 3.76 -11.73
CA TYR A 104 -12.74 4.11 -10.92
C TYR A 104 -12.84 5.63 -10.82
N ASP A 105 -14.02 6.16 -11.11
CA ASP A 105 -14.33 7.57 -10.91
C ASP A 105 -15.39 7.68 -9.83
N SER A 106 -15.02 8.28 -8.70
CA SER A 106 -15.93 8.55 -7.60
C SER A 106 -17.09 9.44 -8.01
N ARG A 107 -17.00 10.11 -9.16
CA ARG A 107 -17.91 11.19 -9.58
C ARG A 107 -17.88 12.37 -8.62
N LEU A 108 -16.86 12.41 -7.76
CA LEU A 108 -16.62 13.50 -6.83
C LEU A 108 -15.28 14.16 -7.04
N GLY A 109 -14.55 13.80 -8.09
CA GLY A 109 -13.23 14.34 -8.30
C GLY A 109 -12.09 13.44 -7.89
N LEU A 110 -12.38 12.34 -7.19
CA LEU A 110 -11.39 11.36 -6.79
C LEU A 110 -11.39 10.20 -7.78
N TRP A 111 -10.21 9.85 -8.27
CA TRP A 111 -10.09 8.72 -9.15
C TRP A 111 -9.18 7.66 -8.54
N LEU A 112 -9.47 6.41 -8.87
CA LEU A 112 -8.57 5.27 -8.61
C LEU A 112 -8.25 4.59 -9.93
N SER A 113 -6.97 4.28 -10.12
CA SER A 113 -6.48 3.78 -11.41
C SER A 113 -5.20 2.98 -11.17
N ASP A 114 -4.70 2.37 -12.25
CA ASP A 114 -3.49 1.56 -12.21
C ASP A 114 -3.65 0.43 -11.19
N PHE A 115 -4.82 -0.18 -11.19
CA PHE A 115 -5.09 -1.27 -10.26
C PHE A 115 -4.05 -2.37 -10.40
N ILE A 116 -3.53 -2.84 -9.25
CA ILE A 116 -2.78 -4.08 -9.18
C ILE A 116 -3.50 -5.00 -8.21
N LEU A 118 -4.08 -7.97 -5.78
CA LEU A 118 -3.14 -8.60 -4.87
C LEU A 118 -3.51 -10.03 -4.53
N ASP A 119 -4.73 -10.44 -4.87
CA ASP A 119 -5.09 -11.86 -4.75
C ASP A 119 -4.73 -12.60 -6.03
N ASN A 120 -4.69 -13.92 -5.92
CA ASN A 120 -4.30 -14.80 -7.01
C ASN A 120 -5.47 -15.29 -7.84
N ASN A 121 -6.69 -15.20 -7.30
CA ASN A 121 -7.83 -15.92 -7.82
C ASN A 121 -8.32 -15.38 -9.16
N LYS A 122 -8.85 -16.26 -9.97
CA LYS A 122 -9.69 -15.86 -11.09
C LYS A 122 -11.11 -15.70 -10.58
N PRO A 123 -11.73 -14.53 -10.74
CA PRO A 123 -13.12 -14.39 -10.31
C PRO A 123 -14.00 -15.40 -11.03
N LYS A 124 -14.89 -16.04 -10.28
CA LYS A 124 -15.78 -16.99 -10.96
C LYS A 124 -16.73 -16.25 -11.88
N ASN A 125 -17.06 -14.99 -11.55
CA ASN A 125 -17.97 -14.23 -12.38
C ASN A 125 -17.45 -12.81 -12.44
N GLU A 127 -18.81 -9.95 -13.77
CA GLU A 127 -19.74 -8.95 -13.27
C GLU A 127 -19.78 -8.95 -11.74
N ASP A 128 -19.82 -10.13 -11.12
CA ASP A 128 -19.75 -10.20 -9.67
C ASP A 128 -18.47 -9.56 -9.15
N TRP A 129 -17.34 -9.86 -9.77
CA TRP A 129 -16.08 -9.30 -9.32
C TRP A 129 -16.05 -7.77 -9.50
N LEU A 130 -16.48 -7.30 -10.69
CA LEU A 130 -16.57 -5.86 -10.93
C LEU A 130 -17.43 -5.16 -9.88
N GLY A 131 -18.58 -5.75 -9.57
CA GLY A 131 -19.44 -5.18 -8.54
C GLY A 131 -18.73 -5.01 -7.21
N GLN A 132 -17.95 -6.03 -6.80
CA GLN A 132 -17.32 -5.96 -5.50
C GLN A 132 -16.16 -4.97 -5.50
N LEU A 133 -15.42 -4.91 -6.61
CA LEU A 133 -14.38 -3.90 -6.77
C LEU A 133 -14.97 -2.50 -6.64
N LYS A 134 -16.14 -2.26 -7.24
CA LYS A 134 -16.71 -0.91 -7.17
C LYS A 134 -17.12 -0.57 -5.74
N ALA A 135 -17.71 -1.54 -5.04
CA ALA A 135 -18.11 -1.30 -3.65
C ALA A 135 -16.90 -0.95 -2.81
N ALA A 136 -15.84 -1.77 -2.88
CA ALA A 136 -14.58 -1.41 -2.26
C ALA A 136 -14.17 0.03 -2.64
N CYS A 137 -14.27 0.38 -3.93
CA CYS A 137 -13.81 1.70 -4.37
C CYS A 137 -14.64 2.82 -3.75
N ASP A 138 -15.96 2.71 -3.80
CA ASP A 138 -16.80 3.67 -3.07
C ASP A 138 -16.39 3.79 -1.62
N ARG A 139 -16.08 2.67 -0.95
CA ARG A 139 -15.69 2.73 0.45
C ARG A 139 -14.37 3.46 0.62
N ILE A 140 -13.42 3.23 -0.30
CA ILE A 140 -12.12 3.91 -0.25
C ILE A 140 -12.29 5.40 -0.48
N ALA A 141 -13.03 5.77 -1.53
CA ALA A 141 -13.32 7.18 -1.76
C ALA A 141 -13.90 7.82 -0.52
N ALA A 142 -14.94 7.21 0.04
CA ALA A 142 -15.56 7.79 1.24
C ALA A 142 -14.56 7.87 2.38
N ASP A 143 -13.66 6.88 2.46
CA ASP A 143 -12.66 6.88 3.52
C ASP A 143 -11.69 8.05 3.39
N ASP A 144 -11.30 8.38 2.15
CA ASP A 144 -10.35 9.47 1.92
C ASP A 144 -10.93 10.80 2.37
N LEU A 145 -12.23 11.00 2.15
CA LEU A 145 -12.88 12.21 2.59
C LEU A 145 -12.93 12.30 4.11
N LEU A 147 -10.73 10.97 6.07
CA LEU A 147 -9.35 11.15 6.49
C LEU A 147 -9.12 12.64 6.76
N ASN A 148 -9.07 13.02 8.03
CA ASN A 148 -8.87 14.44 8.40
C ASN A 148 -7.70 14.63 9.38
N LYS B 39 1.60 -8.41 -13.41
CA LYS B 39 1.93 -7.97 -12.06
C LYS B 39 3.43 -7.97 -11.86
N ASN B 40 4.13 -8.76 -12.68
CA ASN B 40 5.58 -8.83 -12.58
C ASN B 40 6.19 -7.43 -12.68
N ASN B 41 5.72 -6.62 -13.63
CA ASN B 41 6.30 -5.31 -13.88
C ASN B 41 5.34 -4.15 -13.66
N ILE B 42 4.04 -4.39 -13.54
CA ILE B 42 3.09 -3.30 -13.31
C ILE B 42 3.49 -2.46 -12.11
N PHE B 43 4.15 -3.07 -11.12
CA PHE B 43 4.62 -2.32 -9.97
C PHE B 43 5.57 -1.20 -10.36
N ASN B 44 6.22 -1.29 -11.51
CA ASN B 44 7.21 -0.29 -11.88
C ASN B 44 6.59 1.05 -12.27
N LYS B 45 5.28 1.09 -12.59
CA LYS B 45 4.56 2.34 -12.77
C LYS B 45 4.46 3.15 -11.48
N TYR B 46 4.75 2.54 -10.32
CA TYR B 46 4.62 3.11 -8.99
C TYR B 46 5.97 3.60 -8.50
N PRO B 47 5.98 4.64 -7.65
CA PRO B 47 7.23 5.00 -6.97
C PRO B 47 7.70 3.83 -6.11
N THR B 48 9.02 3.75 -5.94
CA THR B 48 9.63 2.63 -5.22
C THR B 48 9.02 2.45 -3.83
N ILE B 49 8.93 3.53 -3.07
CA ILE B 49 8.49 3.52 -1.68
C ILE B 49 7.20 4.32 -1.55
N ILE B 50 6.17 3.70 -0.98
CA ILE B 50 4.91 4.37 -0.67
C ILE B 50 4.71 4.32 0.84
N HIS B 51 4.67 5.49 1.48
CA HIS B 51 4.40 5.57 2.90
C HIS B 51 2.90 5.77 3.12
N GLY B 52 2.31 4.98 4.00
CA GLY B 52 0.87 4.95 4.14
C GLY B 52 0.44 5.13 5.60
N GLU B 53 -0.84 5.41 5.74
CA GLU B 53 -1.49 5.64 7.03
C GLU B 53 -2.87 5.01 6.97
N ALA B 54 -3.56 4.98 8.11
CA ALA B 54 -4.92 4.48 8.14
C ALA B 54 -5.68 5.11 9.30
N ARG B 55 -6.96 5.40 9.07
CA ARG B 55 -7.78 6.01 10.10
C ARG B 55 -7.81 5.15 11.36
N GLY B 56 -7.78 5.80 12.53
CA GLY B 56 -7.90 5.11 13.78
C GLY B 56 -6.69 4.30 14.20
N GLU B 57 -5.65 4.26 13.38
CA GLU B 57 -4.46 3.47 13.65
C GLU B 57 -3.28 4.35 14.04
N ASN B 58 -2.54 3.92 15.07
CA ASN B 58 -1.32 4.63 15.44
C ASN B 58 -0.16 4.29 14.51
N ASP B 59 0.05 2.99 14.22
CA ASP B 59 1.17 2.57 13.37
C ASP B 59 0.98 3.09 11.95
N GLU B 60 2.02 2.93 11.14
CA GLU B 60 2.01 3.35 9.74
C GLU B 60 2.36 2.16 8.85
N PHE B 61 2.45 2.44 7.55
CA PHE B 61 2.47 1.36 6.59
C PHE B 61 3.35 1.75 5.41
N VAL B 62 3.96 0.74 4.79
CA VAL B 62 4.84 0.96 3.65
C VAL B 62 4.57 -0.09 2.58
N VAL B 63 4.68 0.33 1.33
CA VAL B 63 4.72 -0.58 0.20
C VAL B 63 6.04 -0.33 -0.49
N HIS B 64 6.75 -1.41 -0.80
CA HIS B 64 7.99 -1.36 -1.55
C HIS B 64 7.72 -1.99 -2.91
N THR B 65 7.85 -1.19 -3.98
CA THR B 65 7.32 -1.60 -5.28
C THR B 65 8.40 -2.05 -6.23
N ARG B 66 9.64 -2.18 -5.75
CA ARG B 66 10.73 -2.85 -6.45
C ARG B 66 11.14 -4.10 -5.66
N TYR B 67 11.94 -4.95 -6.30
CA TYR B 67 12.32 -6.21 -5.70
C TYR B 67 13.20 -5.99 -4.47
N PRO B 68 12.90 -6.62 -3.34
CA PRO B 68 11.71 -7.48 -3.25
C PRO B 68 10.47 -6.70 -2.84
N ARG B 69 9.37 -6.91 -3.55
CA ARG B 69 8.16 -6.13 -3.31
C ARG B 69 7.40 -6.65 -2.09
N PHE B 70 6.93 -5.73 -1.26
CA PHE B 70 6.23 -6.18 -0.06
C PHE B 70 5.35 -5.07 0.51
N LEU B 71 4.44 -5.49 1.37
CA LEU B 71 3.68 -4.63 2.23
C LEU B 71 4.18 -4.86 3.67
N ALA B 72 4.35 -3.78 4.43
CA ALA B 72 4.85 -3.92 5.79
C ALA B 72 4.20 -2.88 6.70
N ARG B 73 4.30 -3.13 8.01
CA ARG B 73 3.80 -2.18 9.00
C ARG B 73 4.96 -1.38 9.55
N LYS B 74 4.80 -0.06 9.61
CA LYS B 74 5.80 0.85 10.17
C LYS B 74 5.43 1.12 11.61
N SER B 75 6.37 0.86 12.52
CA SER B 75 6.20 1.07 13.96
C SER B 75 7.31 1.97 14.50
N PHE B 76 7.09 2.55 15.68
CA PHE B 76 8.03 3.55 16.19
C PHE B 76 8.26 3.39 17.68
N ASP B 77 9.52 3.51 18.09
CA ASP B 77 9.82 3.57 19.52
C ASP B 77 9.24 4.85 20.09
N ASP B 78 9.29 5.02 21.41
CA ASP B 78 8.83 6.25 22.03
C ASP B 78 9.83 7.40 21.84
N ASN B 79 11.14 7.08 21.82
CA ASN B 79 12.18 8.11 21.84
C ASN B 79 12.86 8.23 20.47
N PHE B 80 12.06 8.30 19.42
CA PHE B 80 12.52 8.23 18.04
C PHE B 80 12.74 9.65 17.51
N THR B 81 14.01 10.02 17.34
CA THR B 81 14.39 11.41 17.09
C THR B 81 14.14 11.83 15.63
N GLY B 82 14.78 11.15 14.68
CA GLY B 82 14.44 11.30 13.27
C GLY B 82 15.40 12.05 12.40
N GLU B 83 16.57 12.45 12.92
CA GLU B 83 17.45 13.34 12.18
C GLU B 83 18.28 12.60 11.13
N LYS B 87 26.47 8.03 10.13
CA LYS B 87 26.48 6.74 9.45
C LYS B 87 25.15 6.46 8.74
N PRO B 88 25.22 5.91 7.53
CA PRO B 88 23.99 5.47 6.86
C PRO B 88 23.27 4.40 7.67
N VAL B 89 22.00 4.21 7.33
CA VAL B 89 21.13 3.28 8.05
C VAL B 89 21.65 1.86 7.87
N ASN B 90 21.95 1.18 8.98
CA ASN B 90 22.31 -0.25 8.96
C ASN B 90 21.49 -0.97 10.02
N GLY B 91 20.24 -1.29 9.67
CA GLY B 91 19.37 -2.04 10.56
C GLY B 91 19.69 -3.52 10.53
N GLU B 92 18.74 -4.34 10.99
CA GLU B 92 18.88 -5.79 10.87
C GLU B 92 17.54 -6.49 10.96
N LEU B 93 17.40 -7.55 10.16
CA LEU B 93 16.27 -8.46 10.21
C LEU B 93 16.43 -9.47 11.34
N GLY B 94 15.31 -9.88 11.91
CA GLY B 94 15.34 -10.73 13.07
C GLY B 94 13.96 -11.26 13.38
N GLN B 95 13.94 -12.33 14.13
CA GLN B 95 12.72 -12.85 14.70
C GLN B 95 12.74 -12.41 16.14
N ILE B 96 11.85 -11.51 16.49
CA ILE B 96 11.98 -10.86 17.78
C ILE B 96 10.76 -11.17 18.62
N GLY B 97 10.93 -11.05 19.92
CA GLY B 97 9.87 -11.28 20.86
C GLY B 97 9.52 -12.74 20.87
N GLU B 98 8.46 -13.07 21.57
CA GLU B 98 7.98 -14.44 21.64
C GLU B 98 6.76 -14.64 20.75
N PRO B 99 6.48 -13.62 19.87
CA PRO B 99 5.31 -13.88 19.03
C PRO B 99 5.75 -14.68 17.82
N ARG B 100 7.04 -14.99 17.74
CA ARG B 100 7.54 -15.76 16.62
C ARG B 100 7.30 -15.11 15.26
N ARG B 101 7.63 -13.84 15.12
CA ARG B 101 7.48 -13.20 13.82
C ARG B 101 8.74 -12.43 13.41
N LEU B 102 8.86 -12.29 12.09
CA LEU B 102 9.96 -11.59 11.44
C LEU B 102 9.78 -10.07 11.52
N ALA B 103 10.74 -9.38 12.12
CA ALA B 103 10.71 -7.93 12.19
C ALA B 103 12.02 -7.35 11.68
N TYR B 104 11.97 -6.07 11.33
CA TYR B 104 13.14 -5.31 10.93
C TYR B 104 13.35 -4.21 11.95
N ASP B 105 14.58 -4.08 12.48
CA ASP B 105 14.94 -3.00 13.41
C ASP B 105 15.92 -2.04 12.74
N SER B 106 15.46 -0.82 12.45
CA SER B 106 16.31 0.19 11.86
C SER B 106 17.46 0.58 12.78
N ARG B 107 17.30 0.38 14.08
CA ARG B 107 18.22 0.81 15.13
C ARG B 107 18.19 2.33 15.27
N LEU B 108 17.27 3.01 14.59
CA LEU B 108 17.08 4.45 14.75
C LEU B 108 15.65 4.78 15.15
N GLY B 109 14.91 3.80 15.68
CA GLY B 109 13.59 4.03 16.20
C GLY B 109 12.46 3.49 15.37
N LEU B 110 12.74 3.05 14.14
CA LEU B 110 11.73 2.59 13.20
C LEU B 110 11.78 1.07 13.08
N TRP B 111 10.60 0.44 13.03
CA TRP B 111 10.50 -1.00 12.80
C TRP B 111 9.58 -1.27 11.62
N LEU B 112 9.85 -2.39 10.93
CA LEU B 112 8.99 -2.94 9.89
C LEU B 112 8.65 -4.37 10.25
N SER B 113 7.37 -4.74 10.14
CA SER B 113 6.93 -6.09 10.44
C SER B 113 5.66 -6.41 9.67
N ASP B 114 5.11 -7.61 9.93
CA ASP B 114 3.95 -8.16 9.20
C ASP B 114 4.21 -8.17 7.70
N PHE B 115 5.44 -8.44 7.32
CA PHE B 115 5.84 -8.47 5.92
C PHE B 115 4.95 -9.37 5.08
N ILE B 116 4.35 -8.79 4.05
CA ILE B 116 3.66 -9.56 3.03
C ILE B 116 4.43 -9.39 1.73
N LEU B 118 5.01 -9.56 -2.20
CA LEU B 118 4.12 -9.30 -3.31
C LEU B 118 4.66 -9.78 -4.65
N ASP B 119 5.93 -10.15 -4.73
CA ASP B 119 6.50 -10.61 -6.00
C ASP B 119 5.90 -11.93 -6.39
N ASN B 120 6.12 -12.30 -7.64
CA ASN B 120 5.74 -13.60 -8.15
C ASN B 120 6.97 -14.46 -8.45
N ASN B 121 8.17 -13.92 -8.31
CA ASN B 121 9.42 -14.64 -8.56
C ASN B 121 9.79 -15.52 -7.37
N LYS B 122 10.03 -16.81 -7.63
CA LYS B 122 10.58 -17.71 -6.61
C LYS B 122 12.05 -17.38 -6.37
N PRO B 123 12.45 -17.06 -5.13
CA PRO B 123 13.88 -16.90 -4.83
C PRO B 123 14.47 -18.21 -4.30
N LYS B 124 15.17 -18.98 -5.14
CA LYS B 124 15.88 -20.16 -4.63
C LYS B 124 16.91 -19.74 -3.60
N ASN B 125 17.86 -18.91 -4.04
CA ASN B 125 18.93 -18.41 -3.19
C ASN B 125 18.36 -17.53 -2.10
N GLU B 127 20.26 -16.29 -0.01
CA GLU B 127 21.38 -15.38 0.26
C GLU B 127 21.05 -13.97 -0.17
N ASP B 128 20.68 -13.77 -1.43
CA ASP B 128 20.23 -12.45 -1.86
C ASP B 128 18.99 -12.03 -1.06
N TRP B 129 18.11 -12.99 -0.78
CA TRP B 129 16.72 -12.62 -0.52
C TRP B 129 16.54 -11.91 0.81
N LEU B 130 17.17 -12.40 1.86
CA LEU B 130 17.05 -11.66 3.11
C LEU B 130 17.91 -10.42 3.09
N GLY B 131 19.09 -10.50 2.45
CA GLY B 131 19.95 -9.33 2.38
C GLY B 131 19.28 -8.19 1.64
N GLN B 132 18.65 -8.49 0.51
CA GLN B 132 17.96 -7.48 -0.26
C GLN B 132 16.72 -6.98 0.49
N LEU B 133 16.02 -7.87 1.18
CA LEU B 133 14.90 -7.43 2.01
C LEU B 133 15.37 -6.48 3.10
N LYS B 134 16.51 -6.79 3.72
CA LYS B 134 17.08 -5.88 4.70
C LYS B 134 17.62 -4.60 4.04
N ALA B 135 18.16 -4.72 2.83
CA ALA B 135 18.65 -3.52 2.14
C ALA B 135 17.50 -2.59 1.83
N ALA B 136 16.36 -3.13 1.40
CA ALA B 136 15.20 -2.31 1.11
C ALA B 136 14.66 -1.67 2.38
N CYS B 137 14.72 -2.39 3.50
CA CYS B 137 14.27 -1.83 4.77
C CYS B 137 15.15 -0.65 5.18
N ASP B 138 16.46 -0.76 4.95
CA ASP B 138 17.36 0.34 5.26
C ASP B 138 17.03 1.56 4.40
N ARG B 139 16.46 1.35 3.20
CA ARG B 139 16.06 2.49 2.38
C ARG B 139 14.75 3.09 2.88
N ILE B 140 13.76 2.24 3.17
CA ILE B 140 12.49 2.72 3.72
C ILE B 140 12.74 3.50 5.01
N ALA B 141 13.71 3.04 5.81
CA ALA B 141 14.02 3.72 7.05
C ALA B 141 14.59 5.12 6.80
N ALA B 142 15.52 5.24 5.86
CA ALA B 142 16.08 6.54 5.56
C ALA B 142 15.01 7.46 5.00
N ASP B 143 14.22 6.94 4.06
CA ASP B 143 13.23 7.74 3.35
C ASP B 143 12.14 8.26 4.26
N ASP B 144 11.89 7.59 5.39
CA ASP B 144 10.83 7.96 6.32
C ASP B 144 11.29 8.92 7.41
N LEU B 145 12.59 9.08 7.63
CA LEU B 145 13.06 10.07 8.58
C LEU B 145 12.71 11.49 8.18
#